data_1ZD3
#
_entry.id   1ZD3
#
_cell.length_a   92.410
_cell.length_b   92.410
_cell.length_c   243.316
_cell.angle_alpha   90.00
_cell.angle_beta   90.00
_cell.angle_gamma   120.00
#
_symmetry.space_group_name_H-M   'P 65 2 2'
#
loop_
_entity.id
_entity.type
_entity.pdbx_description
1 polymer 'epoxide hydrolase 2, cytoplasmic'
2 non-polymer 'MAGNESIUM ION'
3 non-polymer 'PHOSPHATE ION'
4 non-polymer 'POLYETHYLENE GLYCOL (N=34)'
5 non-polymer '4-{[(CYCLOHEXYLAMINO)CARBONYL]AMINO}BUTANOIC ACID'
6 water water
#
_entity_poly.entity_id   1
_entity_poly.type   'polypeptide(L)'
_entity_poly.pdbx_seq_one_letter_code
;MTLRAAVFDLDGVLALPAVFGVLGRTEEALALPRGLLNDAFQKGGPEGATTRLMKGEITLSQWIPLMEENCRKCSETAKV
CLPKNFSIKEIFDKAISARKINRPMLQAALMLRKKGFTTAILTNTWLDDRAERDGLAQLMCELKMHFDFLIESCQVGMVK
PEPQIYKFLLDTLKASPSEVVFLDDIGANLKPARDLGMVTILVQDTDTALKELEKVTGIQLLNTPAPLPTSCNPSDMSHG
YVTVKPRVRLHFVELGSGPAVCLCHGFPESWYSWRYQIPALAQAGYRVLAMDMKGYGESSAPPEIEEYCMEVLCKEMVTF
LDKLGLSQAVFIGHDWGGMLVWYMALFYPERVRAVASLNTPFIPANPNMSPLESIKANPVFDYQLYFQEPGVAEAELEQN
LSRTFKSLFRASDESVLSMHKVCEAGGLFVNSPEEPSLSRMVTEEEIQFYVQQFKKSGFRGPLNWYRNMERNWKWACKSL
GRKILIPALMVTAEKDFVLVPQMSQHMEDWIPHLKRGHIEDCGHWTQMDKPTEVNQILIKWLDSDARNPPVVSKM
;
_entity_poly.pdbx_strand_id   A
#
loop_
_chem_comp.id
_chem_comp.type
_chem_comp.name
_chem_comp.formula
15P non-polymer 'POLYETHYLENE GLYCOL (N=34)' 'C69 H140 O35'
MG non-polymer 'MAGNESIUM ION' 'Mg 2'
NC4 non-polymer '4-{[(CYCLOHEXYLAMINO)CARBONYL]AMINO}BUTANOIC ACID' 'C11 H20 N2 O3'
PO4 non-polymer 'PHOSPHATE ION' 'O4 P -3'
#
# COMPACT_ATOMS: atom_id res chain seq x y z
N THR A 2 14.00 26.23 -13.82
CA THR A 2 13.46 27.37 -13.04
C THR A 2 12.39 26.97 -12.00
N LEU A 3 11.36 26.27 -12.44
CA LEU A 3 10.31 25.82 -11.53
C LEU A 3 10.85 24.77 -10.58
N ARG A 4 10.42 24.82 -9.32
CA ARG A 4 10.90 23.86 -8.33
C ARG A 4 9.75 23.30 -7.49
N ALA A 5 8.59 23.95 -7.53
CA ALA A 5 7.45 23.49 -6.75
C ALA A 5 6.11 23.61 -7.46
N ALA A 6 5.22 22.66 -7.18
CA ALA A 6 3.88 22.68 -7.78
C ALA A 6 2.88 22.57 -6.64
N VAL A 7 1.89 23.44 -6.68
CA VAL A 7 0.87 23.48 -5.64
C VAL A 7 -0.47 23.14 -6.29
N PHE A 8 -1.17 22.19 -5.69
CA PHE A 8 -2.44 21.77 -6.23
C PHE A 8 -3.59 22.08 -5.31
N ASP A 9 -4.69 22.52 -5.90
CA ASP A 9 -5.90 22.82 -5.15
C ASP A 9 -6.53 21.46 -4.95
N LEU A 10 -7.45 21.36 -4.01
CA LEU A 10 -8.09 20.08 -3.78
C LEU A 10 -9.36 19.94 -4.61
N ASP A 11 -10.41 20.61 -4.18
CA ASP A 11 -11.68 20.54 -4.89
C ASP A 11 -11.55 21.03 -6.34
N GLY A 12 -11.91 20.17 -7.28
CA GLY A 12 -11.83 20.53 -8.67
C GLY A 12 -10.48 20.28 -9.32
N VAL A 13 -9.47 19.97 -8.52
CA VAL A 13 -8.16 19.72 -9.09
C VAL A 13 -7.67 18.33 -8.69
N LEU A 14 -7.51 18.08 -7.39
CA LEU A 14 -7.08 16.76 -6.93
C LEU A 14 -8.29 15.86 -6.62
N ALA A 15 -9.47 16.46 -6.46
CA ALA A 15 -10.68 15.73 -6.17
C ALA A 15 -11.83 16.17 -7.08
N LEU A 16 -12.62 15.21 -7.55
CA LEU A 16 -13.75 15.47 -8.43
C LEU A 16 -14.88 14.50 -8.15
N PRO A 17 -16.13 14.93 -8.41
CA PRO A 17 -16.47 16.25 -8.96
C PRO A 17 -16.35 17.29 -7.87
N ALA A 18 -16.09 18.54 -8.27
CA ALA A 18 -15.97 19.63 -7.32
C ALA A 18 -17.22 19.76 -6.47
N VAL A 19 -17.07 19.77 -5.16
CA VAL A 19 -18.21 19.90 -4.28
C VAL A 19 -18.88 21.23 -4.54
N PHE A 20 -18.07 22.26 -4.77
CA PHE A 20 -18.58 23.61 -5.04
C PHE A 20 -19.52 23.57 -6.25
N GLY A 21 -19.33 22.57 -7.11
CA GLY A 21 -20.14 22.43 -8.29
C GLY A 21 -21.45 21.68 -8.08
N VAL A 22 -21.72 21.28 -6.85
CA VAL A 22 -22.95 20.56 -6.56
C VAL A 22 -24.09 21.54 -6.40
N LEU A 23 -23.76 22.79 -6.10
CA LEU A 23 -24.79 23.81 -5.94
C LEU A 23 -25.53 24.02 -7.26
N GLY A 24 -24.78 24.17 -8.34
CA GLY A 24 -25.39 24.40 -9.65
C GLY A 24 -26.21 23.22 -10.13
N ARG A 25 -25.64 22.03 -10.01
CA ARG A 25 -26.31 20.81 -10.43
C ARG A 25 -27.61 20.59 -9.68
N THR A 26 -27.64 21.02 -8.42
CA THR A 26 -28.83 20.87 -7.59
C THR A 26 -29.92 21.84 -8.05
N GLU A 27 -29.50 23.02 -8.51
CA GLU A 27 -30.43 24.04 -8.99
C GLU A 27 -31.19 23.54 -10.22
N GLU A 28 -30.47 22.96 -11.17
CA GLU A 28 -31.09 22.46 -12.40
C GLU A 28 -32.03 21.32 -12.04
N ALA A 29 -31.52 20.37 -11.28
CA ALA A 29 -32.32 19.23 -10.86
C ALA A 29 -33.60 19.70 -10.18
N LEU A 30 -33.49 20.72 -9.35
CA LEU A 30 -34.65 21.24 -8.63
C LEU A 30 -35.41 22.35 -9.32
N ALA A 31 -35.03 22.65 -10.56
CA ALA A 31 -35.69 23.70 -11.31
C ALA A 31 -35.66 25.04 -10.57
N LEU A 32 -34.64 25.24 -9.74
CA LEU A 32 -34.48 26.48 -8.99
C LEU A 32 -33.81 27.53 -9.88
N PRO A 33 -33.98 28.82 -9.55
CA PRO A 33 -33.37 29.89 -10.34
C PRO A 33 -31.86 29.67 -10.42
N ARG A 34 -31.27 29.91 -11.58
CA ARG A 34 -29.83 29.71 -11.73
C ARG A 34 -29.00 30.49 -10.72
N GLY A 35 -27.98 29.83 -10.19
CA GLY A 35 -27.08 30.44 -9.23
C GLY A 35 -27.64 30.72 -7.85
N LEU A 36 -28.90 30.35 -7.62
CA LEU A 36 -29.54 30.58 -6.33
C LEU A 36 -28.75 29.97 -5.17
N LEU A 37 -28.47 28.67 -5.24
CA LEU A 37 -27.71 28.01 -4.19
C LEU A 37 -26.32 28.62 -4.05
N ASN A 38 -25.72 29.02 -5.17
CA ASN A 38 -24.39 29.60 -5.10
C ASN A 38 -24.41 30.93 -4.34
N ASP A 39 -25.41 31.76 -4.60
CA ASP A 39 -25.52 33.04 -3.92
C ASP A 39 -25.61 32.82 -2.43
N ALA A 40 -26.45 31.86 -2.03
CA ALA A 40 -26.62 31.54 -0.62
C ALA A 40 -25.30 31.06 -0.02
N PHE A 41 -24.44 30.50 -0.85
CA PHE A 41 -23.14 29.99 -0.43
C PHE A 41 -22.11 31.11 -0.19
N GLN A 42 -22.17 32.17 -0.99
CA GLN A 42 -21.23 33.26 -0.83
C GLN A 42 -21.86 34.48 -0.17
N LYS A 43 -23.02 34.28 0.44
CA LYS A 43 -23.71 35.39 1.07
C LYS A 43 -22.88 36.06 2.18
N GLY A 44 -22.52 37.33 1.97
CA GLY A 44 -21.76 38.08 2.95
C GLY A 44 -20.29 38.23 2.63
N GLY A 45 -19.81 37.48 1.65
CA GLY A 45 -18.40 37.56 1.29
C GLY A 45 -17.49 37.36 2.48
N PRO A 46 -16.39 38.12 2.57
CA PRO A 46 -15.43 38.03 3.67
C PRO A 46 -16.05 37.90 5.06
N GLU A 47 -17.23 38.49 5.25
CA GLU A 47 -17.89 38.43 6.54
C GLU A 47 -19.02 37.39 6.59
N GLY A 48 -19.22 36.67 5.48
CA GLY A 48 -20.28 35.66 5.42
C GLY A 48 -19.98 34.36 6.16
N ALA A 49 -21.00 33.56 6.37
CA ALA A 49 -20.83 32.29 7.09
C ALA A 49 -19.78 31.37 6.45
N THR A 50 -19.81 31.24 5.13
CA THR A 50 -18.86 30.37 4.46
C THR A 50 -17.39 30.74 4.68
N THR A 51 -17.07 32.03 4.72
CA THR A 51 -15.68 32.42 4.94
C THR A 51 -15.24 32.09 6.36
N ARG A 52 -16.14 32.26 7.32
CA ARG A 52 -15.81 31.93 8.69
C ARG A 52 -15.56 30.43 8.72
N LEU A 53 -16.42 29.70 8.03
CA LEU A 53 -16.32 28.25 7.93
C LEU A 53 -14.95 27.86 7.36
N MET A 54 -14.58 28.49 6.26
CA MET A 54 -13.33 28.19 5.58
C MET A 54 -12.08 28.62 6.37
N LYS A 55 -12.26 29.56 7.29
CA LYS A 55 -11.14 30.02 8.12
C LYS A 55 -11.00 29.23 9.42
N GLY A 56 -11.96 28.35 9.69
CA GLY A 56 -11.91 27.55 10.87
C GLY A 56 -12.58 28.18 12.08
N GLU A 57 -13.32 29.25 11.87
CA GLU A 57 -13.99 29.91 12.98
C GLU A 57 -15.16 29.08 13.48
N ILE A 58 -15.88 28.44 12.57
CA ILE A 58 -16.99 27.58 12.96
C ILE A 58 -16.82 26.25 12.24
N THR A 59 -17.50 25.22 12.71
CA THR A 59 -17.39 23.91 12.09
C THR A 59 -18.43 23.76 10.99
N LEU A 60 -18.27 22.71 10.19
CA LEU A 60 -19.20 22.47 9.09
C LEU A 60 -20.61 22.29 9.62
N SER A 61 -20.76 21.53 10.71
CA SER A 61 -22.09 21.31 11.26
C SER A 61 -22.69 22.61 11.78
N GLN A 62 -21.84 23.55 12.16
CA GLN A 62 -22.33 24.84 12.65
C GLN A 62 -22.73 25.67 11.44
N TRP A 63 -22.01 25.47 10.34
CA TRP A 63 -22.26 26.22 9.12
C TRP A 63 -23.56 25.80 8.44
N ILE A 64 -23.89 24.52 8.46
CA ILE A 64 -25.10 24.03 7.80
C ILE A 64 -26.36 24.87 8.05
N PRO A 65 -26.74 25.09 9.32
CA PRO A 65 -27.92 25.88 9.65
C PRO A 65 -27.83 27.27 9.06
N LEU A 66 -26.62 27.85 9.08
CA LEU A 66 -26.42 29.18 8.54
C LEU A 66 -26.59 29.24 7.03
N MET A 67 -26.16 28.19 6.33
CA MET A 67 -26.29 28.14 4.88
C MET A 67 -27.77 28.00 4.52
N GLU A 68 -28.53 27.36 5.41
CA GLU A 68 -29.94 27.15 5.19
C GLU A 68 -30.70 28.48 5.22
N GLU A 69 -30.42 29.30 6.21
CA GLU A 69 -31.09 30.60 6.30
C GLU A 69 -30.75 31.41 5.06
N ASN A 70 -29.49 31.34 4.63
CA ASN A 70 -29.05 32.06 3.44
C ASN A 70 -29.87 31.67 2.21
N CYS A 71 -30.09 30.36 2.03
CA CYS A 71 -30.86 29.85 0.91
C CYS A 71 -32.29 30.38 0.93
N ARG A 72 -32.82 30.53 2.14
CA ARG A 72 -34.17 31.04 2.30
C ARG A 72 -34.17 32.52 1.90
N LYS A 73 -33.26 33.29 2.49
CA LYS A 73 -33.17 34.71 2.18
C LYS A 73 -32.92 34.97 0.70
N CYS A 74 -32.13 34.09 0.06
CA CYS A 74 -31.84 34.26 -1.35
C CYS A 74 -33.05 33.94 -2.23
N SER A 75 -33.86 32.99 -1.79
CA SER A 75 -35.05 32.59 -2.53
C SER A 75 -36.19 33.60 -2.33
N GLU A 76 -36.03 34.42 -1.30
CA GLU A 76 -37.00 35.45 -0.93
C GLU A 76 -36.88 36.69 -1.81
N THR A 77 -35.65 37.16 -1.99
CA THR A 77 -35.43 38.33 -2.83
C THR A 77 -35.67 37.90 -4.27
N ALA A 78 -35.49 36.61 -4.53
CA ALA A 78 -35.69 36.05 -5.86
C ALA A 78 -37.16 35.70 -6.08
N LYS A 79 -37.95 35.76 -5.01
CA LYS A 79 -39.37 35.42 -5.07
C LYS A 79 -39.60 33.98 -5.53
N VAL A 80 -38.92 33.04 -4.87
CA VAL A 80 -39.05 31.63 -5.21
C VAL A 80 -39.07 30.80 -3.93
N CYS A 81 -39.70 29.63 -3.99
CA CYS A 81 -39.75 28.74 -2.82
C CYS A 81 -38.80 27.57 -3.03
N LEU A 82 -38.46 26.90 -1.93
CA LEU A 82 -37.56 25.75 -1.98
C LEU A 82 -38.32 24.47 -1.63
N PRO A 83 -38.06 23.37 -2.35
CA PRO A 83 -38.74 22.10 -2.09
C PRO A 83 -38.85 21.78 -0.59
N LYS A 84 -39.89 21.06 -0.21
CA LYS A 84 -40.11 20.71 1.20
C LYS A 84 -39.00 19.86 1.80
N ASN A 85 -38.47 18.92 1.02
CA ASN A 85 -37.40 18.07 1.52
C ASN A 85 -36.02 18.60 1.16
N PHE A 86 -35.89 19.93 1.12
CA PHE A 86 -34.62 20.55 0.80
C PHE A 86 -33.73 20.43 2.03
N SER A 87 -32.62 19.73 1.88
CA SER A 87 -31.70 19.54 2.98
C SER A 87 -30.27 19.81 2.58
N ILE A 88 -29.67 20.84 3.19
CA ILE A 88 -28.29 21.19 2.91
C ILE A 88 -27.37 20.06 3.34
N LYS A 89 -27.72 19.42 4.44
CA LYS A 89 -26.90 18.32 4.94
C LYS A 89 -26.95 17.20 3.92
N GLU A 90 -28.15 16.92 3.42
CA GLU A 90 -28.36 15.86 2.44
C GLU A 90 -27.56 16.20 1.18
N ILE A 91 -27.65 17.45 0.74
CA ILE A 91 -26.96 17.92 -0.45
C ILE A 91 -25.45 17.77 -0.39
N PHE A 92 -24.83 18.30 0.67
CA PHE A 92 -23.40 18.20 0.81
C PHE A 92 -22.91 16.79 1.15
N ASP A 93 -23.67 16.04 1.94
CA ASP A 93 -23.25 14.69 2.26
C ASP A 93 -23.01 13.92 0.98
N LYS A 94 -23.98 13.99 0.07
CA LYS A 94 -23.89 13.28 -1.20
C LYS A 94 -22.76 13.83 -2.05
N ALA A 95 -22.63 15.15 -2.11
CA ALA A 95 -21.57 15.76 -2.91
C ALA A 95 -20.19 15.35 -2.43
N ILE A 96 -19.97 15.51 -1.12
CA ILE A 96 -18.69 15.19 -0.51
C ILE A 96 -18.29 13.74 -0.70
N SER A 97 -19.21 12.82 -0.45
CA SER A 97 -18.90 11.40 -0.59
C SER A 97 -18.74 11.02 -2.06
N ALA A 98 -19.35 11.82 -2.94
CA ALA A 98 -19.29 11.56 -4.37
C ALA A 98 -17.93 11.99 -4.90
N ARG A 99 -17.30 12.94 -4.21
CA ARG A 99 -16.01 13.45 -4.62
C ARG A 99 -14.87 12.45 -4.42
N LYS A 100 -14.24 12.05 -5.52
CA LYS A 100 -13.14 11.09 -5.51
C LYS A 100 -11.85 11.78 -5.95
N ILE A 101 -10.72 11.13 -5.66
CA ILE A 101 -9.41 11.63 -6.05
C ILE A 101 -9.25 11.57 -7.56
N ASN A 102 -8.78 12.66 -8.14
CA ASN A 102 -8.56 12.70 -9.58
C ASN A 102 -7.22 12.02 -9.81
N ARG A 103 -7.25 10.69 -9.97
CA ARG A 103 -6.02 9.92 -10.16
C ARG A 103 -4.97 10.50 -11.11
N PRO A 104 -5.37 10.91 -12.32
CA PRO A 104 -4.36 11.46 -13.24
C PRO A 104 -3.71 12.73 -12.71
N MET A 105 -4.47 13.52 -11.96
CA MET A 105 -3.91 14.73 -11.39
C MET A 105 -2.93 14.31 -10.27
N LEU A 106 -3.33 13.37 -9.42
CA LEU A 106 -2.46 12.91 -8.34
C LEU A 106 -1.19 12.31 -8.94
N GLN A 107 -1.38 11.49 -9.96
CA GLN A 107 -0.26 10.84 -10.63
C GLN A 107 0.73 11.89 -11.11
N ALA A 108 0.23 13.00 -11.65
CA ALA A 108 1.12 14.05 -12.14
C ALA A 108 1.89 14.66 -10.96
N ALA A 109 1.20 14.91 -9.85
CA ALA A 109 1.88 15.47 -8.69
C ALA A 109 3.02 14.54 -8.27
N LEU A 110 2.70 13.26 -8.18
CA LEU A 110 3.67 12.25 -7.79
C LEU A 110 4.90 12.26 -8.70
N MET A 111 4.65 12.34 -9.99
CA MET A 111 5.75 12.38 -10.95
C MET A 111 6.64 13.60 -10.68
N LEU A 112 6.03 14.79 -10.65
CA LEU A 112 6.80 15.99 -10.40
C LEU A 112 7.61 15.87 -9.12
N ARG A 113 7.00 15.32 -8.08
CA ARG A 113 7.69 15.16 -6.82
C ARG A 113 8.84 14.18 -6.96
N LYS A 114 8.63 13.12 -7.73
CA LYS A 114 9.65 12.10 -7.94
C LYS A 114 10.84 12.69 -8.66
N LYS A 115 10.60 13.77 -9.40
CA LYS A 115 11.67 14.41 -10.13
C LYS A 115 12.25 15.62 -9.43
N GLY A 116 12.15 15.63 -8.11
CA GLY A 116 12.73 16.72 -7.34
C GLY A 116 11.84 17.90 -6.96
N PHE A 117 10.59 17.90 -7.39
CA PHE A 117 9.69 19.00 -7.08
C PHE A 117 9.16 18.99 -5.65
N THR A 118 8.94 20.18 -5.12
CA THR A 118 8.39 20.32 -3.78
C THR A 118 6.91 20.46 -4.10
N THR A 119 6.10 19.52 -3.63
CA THR A 119 4.68 19.59 -3.91
C THR A 119 3.88 19.98 -2.70
N ALA A 120 2.73 20.58 -2.95
CA ALA A 120 1.88 21.00 -1.84
C ALA A 120 0.41 21.07 -2.22
N ILE A 121 -0.44 21.07 -1.21
CA ILE A 121 -1.88 21.18 -1.44
C ILE A 121 -2.33 22.45 -0.74
N LEU A 122 -2.98 23.32 -1.49
CA LEU A 122 -3.49 24.56 -0.93
C LEU A 122 -4.98 24.51 -1.21
N THR A 123 -5.77 24.39 -0.15
CA THR A 123 -7.19 24.31 -0.33
C THR A 123 -8.01 25.01 0.74
N ASN A 124 -9.11 25.61 0.33
CA ASN A 124 -10.00 26.26 1.27
C ASN A 124 -10.89 25.11 1.68
N THR A 125 -10.84 24.75 2.96
CA THR A 125 -11.68 23.67 3.45
C THR A 125 -12.21 23.99 4.83
N TRP A 126 -12.96 23.07 5.40
CA TRP A 126 -13.60 23.27 6.69
C TRP A 126 -13.28 22.18 7.72
N LEU A 127 -13.63 22.43 8.98
CA LEU A 127 -13.47 21.45 10.03
C LEU A 127 -14.75 20.63 9.88
N ASP A 128 -14.59 19.38 9.46
CA ASP A 128 -15.72 18.48 9.21
C ASP A 128 -16.05 17.66 10.44
N ASP A 129 -17.18 17.99 11.08
CA ASP A 129 -17.61 17.26 12.26
C ASP A 129 -18.93 16.55 11.99
N ARG A 130 -19.21 16.29 10.72
CA ARG A 130 -20.44 15.60 10.35
C ARG A 130 -20.34 14.16 10.78
N ALA A 131 -21.48 13.50 10.94
CA ALA A 131 -21.48 12.11 11.33
C ALA A 131 -20.75 11.29 10.24
N GLU A 132 -20.66 11.83 9.03
CA GLU A 132 -20.02 11.11 7.93
C GLU A 132 -18.59 11.61 7.63
N ARG A 133 -18.02 12.38 8.53
CA ARG A 133 -16.68 12.94 8.33
C ARG A 133 -15.61 11.93 7.92
N ASP A 134 -15.73 10.69 8.38
CA ASP A 134 -14.72 9.69 8.05
C ASP A 134 -14.41 9.57 6.56
N GLY A 135 -15.42 9.76 5.72
CA GLY A 135 -15.21 9.68 4.29
C GLY A 135 -14.16 10.67 3.84
N LEU A 136 -14.34 11.92 4.22
CA LEU A 136 -13.40 12.96 3.85
C LEU A 136 -12.06 12.68 4.51
N ALA A 137 -12.10 12.17 5.74
CA ALA A 137 -10.87 11.87 6.49
C ALA A 137 -9.98 10.87 5.73
N GLN A 138 -10.61 9.79 5.28
CA GLN A 138 -9.90 8.76 4.53
C GLN A 138 -9.32 9.33 3.24
N LEU A 139 -10.08 10.20 2.57
CA LEU A 139 -9.58 10.78 1.35
C LEU A 139 -8.39 11.67 1.61
N MET A 140 -8.48 12.50 2.65
CA MET A 140 -7.34 13.36 2.98
C MET A 140 -6.17 12.50 3.46
N CYS A 141 -6.48 11.43 4.19
CA CYS A 141 -5.46 10.52 4.70
C CYS A 141 -4.64 9.96 3.53
N GLU A 142 -5.32 9.56 2.44
CA GLU A 142 -4.58 9.02 1.31
C GLU A 142 -3.75 10.07 0.57
N LEU A 143 -4.32 11.25 0.35
CA LEU A 143 -3.60 12.32 -0.36
C LEU A 143 -2.40 12.86 0.42
N LYS A 144 -2.65 13.15 1.69
CA LYS A 144 -1.63 13.70 2.57
C LYS A 144 -0.21 13.14 2.38
N MET A 145 -0.08 11.82 2.40
CA MET A 145 1.23 11.16 2.28
C MET A 145 2.00 11.41 0.96
N HIS A 146 1.29 11.77 -0.08
CA HIS A 146 1.91 12.00 -1.38
C HIS A 146 2.43 13.40 -1.63
N PHE A 147 2.19 14.32 -0.70
CA PHE A 147 2.66 15.70 -0.87
C PHE A 147 3.54 16.17 0.28
N ASP A 148 4.42 17.12 0.00
CA ASP A 148 5.32 17.64 1.04
C ASP A 148 4.58 18.47 2.07
N PHE A 149 3.53 19.15 1.61
CA PHE A 149 2.76 20.00 2.49
C PHE A 149 1.29 19.99 2.14
N LEU A 150 0.48 20.19 3.16
CA LEU A 150 -0.95 20.26 3.02
C LEU A 150 -1.38 21.50 3.78
N ILE A 151 -1.76 22.54 3.07
CA ILE A 151 -2.17 23.78 3.72
C ILE A 151 -3.69 23.90 3.61
N GLU A 152 -4.37 23.72 4.75
CA GLU A 152 -5.82 23.81 4.81
C GLU A 152 -6.23 25.14 5.41
N SER A 153 -7.10 25.86 4.70
CA SER A 153 -7.56 27.17 5.13
C SER A 153 -8.07 27.18 6.57
N CYS A 154 -8.94 26.25 6.91
CA CYS A 154 -9.50 26.19 8.24
C CYS A 154 -8.46 25.89 9.29
N GLN A 155 -7.26 25.52 8.87
CA GLN A 155 -6.20 25.21 9.80
C GLN A 155 -5.28 26.41 10.02
N VAL A 156 -5.08 27.21 8.96
CA VAL A 156 -4.21 28.37 9.07
C VAL A 156 -4.95 29.70 9.19
N GLY A 157 -6.25 29.63 9.40
CA GLY A 157 -7.05 30.83 9.56
C GLY A 157 -7.08 31.82 8.40
N MET A 158 -6.54 31.42 7.25
CA MET A 158 -6.51 32.26 6.07
C MET A 158 -7.20 31.51 4.93
N VAL A 159 -7.64 32.23 3.90
CA VAL A 159 -8.29 31.57 2.77
C VAL A 159 -8.04 32.30 1.46
N LYS A 160 -7.94 31.54 0.39
CA LYS A 160 -7.76 32.15 -0.93
C LYS A 160 -9.08 32.89 -1.13
N PRO A 161 -9.08 34.00 -1.88
CA PRO A 161 -7.99 34.69 -2.61
C PRO A 161 -7.05 35.58 -1.80
N GLU A 162 -7.29 35.71 -0.49
CA GLU A 162 -6.46 36.54 0.38
C GLU A 162 -4.99 36.29 0.07
N PRO A 163 -4.28 37.34 -0.36
CA PRO A 163 -2.85 37.21 -0.69
C PRO A 163 -1.94 36.76 0.46
N GLN A 164 -2.37 37.02 1.70
CA GLN A 164 -1.59 36.62 2.86
C GLN A 164 -1.32 35.11 2.86
N ILE A 165 -2.33 34.32 2.49
CA ILE A 165 -2.16 32.87 2.44
C ILE A 165 -1.17 32.44 1.38
N TYR A 166 -1.01 33.25 0.33
CA TYR A 166 -0.04 32.91 -0.72
C TYR A 166 1.35 33.16 -0.22
N LYS A 167 1.49 34.17 0.63
CA LYS A 167 2.80 34.48 1.19
C LYS A 167 3.13 33.34 2.13
N PHE A 168 2.13 32.91 2.90
CA PHE A 168 2.30 31.79 3.83
C PHE A 168 2.77 30.59 3.02
N LEU A 169 2.15 30.39 1.87
CA LEU A 169 2.50 29.27 0.99
C LEU A 169 3.97 29.36 0.59
N LEU A 170 4.36 30.52 0.09
CA LEU A 170 5.72 30.77 -0.34
C LEU A 170 6.71 30.54 0.79
N ASP A 171 6.32 30.97 1.98
CA ASP A 171 7.20 30.80 3.12
C ASP A 171 7.34 29.33 3.49
N THR A 172 6.22 28.60 3.46
CA THR A 172 6.21 27.18 3.78
C THR A 172 7.02 26.38 2.76
N LEU A 173 6.90 26.79 1.50
CA LEU A 173 7.59 26.14 0.39
C LEU A 173 9.09 26.45 0.34
N LYS A 174 9.47 27.60 0.89
CA LYS A 174 10.86 28.03 0.87
C LYS A 174 11.27 28.25 -0.58
N ALA A 175 10.36 28.84 -1.34
CA ALA A 175 10.61 29.12 -2.73
C ALA A 175 10.04 30.46 -3.15
N SER A 176 10.72 31.12 -4.08
CA SER A 176 10.27 32.40 -4.59
C SER A 176 9.18 32.12 -5.61
N PRO A 177 8.25 33.07 -5.80
CA PRO A 177 7.15 32.91 -6.77
C PRO A 177 7.62 32.32 -8.07
N SER A 178 8.71 32.87 -8.60
CA SER A 178 9.29 32.45 -9.86
C SER A 178 9.37 30.93 -10.06
N GLU A 179 9.69 30.19 -9.00
CA GLU A 179 9.82 28.73 -9.10
C GLU A 179 8.63 27.93 -8.54
N VAL A 180 7.43 28.45 -8.74
CA VAL A 180 6.24 27.80 -8.25
C VAL A 180 5.08 27.85 -9.25
N VAL A 181 4.45 26.70 -9.46
CA VAL A 181 3.32 26.61 -10.36
C VAL A 181 2.15 26.25 -9.48
N PHE A 182 1.04 26.96 -9.63
CA PHE A 182 -0.14 26.72 -8.83
C PHE A 182 -1.33 26.41 -9.73
N LEU A 183 -2.00 25.29 -9.43
CA LEU A 183 -3.16 24.84 -10.19
C LEU A 183 -4.41 25.06 -9.37
N ASP A 184 -5.42 25.71 -9.95
CA ASP A 184 -6.71 25.93 -9.25
C ASP A 184 -7.81 25.97 -10.29
N ASP A 185 -9.03 25.67 -9.90
CA ASP A 185 -10.11 25.69 -10.87
C ASP A 185 -10.89 26.99 -10.80
N ILE A 186 -10.55 27.81 -9.81
CA ILE A 186 -11.21 29.08 -9.62
C ILE A 186 -10.25 30.21 -9.99
N GLY A 187 -10.52 30.83 -11.14
CA GLY A 187 -9.66 31.91 -11.63
C GLY A 187 -9.27 32.96 -10.60
N ALA A 188 -10.24 33.38 -9.80
CA ALA A 188 -10.00 34.39 -8.77
C ALA A 188 -8.82 33.99 -7.90
N ASN A 189 -8.74 32.70 -7.58
CA ASN A 189 -7.65 32.24 -6.73
C ASN A 189 -6.29 32.26 -7.40
N LEU A 190 -6.28 32.38 -8.72
CA LEU A 190 -5.03 32.40 -9.46
C LEU A 190 -4.38 33.78 -9.54
N LYS A 191 -5.20 34.83 -9.59
CA LYS A 191 -4.70 36.21 -9.68
C LYS A 191 -3.69 36.56 -8.60
N PRO A 192 -4.05 36.37 -7.33
CA PRO A 192 -3.10 36.70 -6.26
C PRO A 192 -1.76 36.03 -6.50
N ALA A 193 -1.79 34.77 -6.90
CA ALA A 193 -0.56 34.02 -7.14
C ALA A 193 0.16 34.57 -8.35
N ARG A 194 -0.62 34.89 -9.37
CA ARG A 194 -0.03 35.43 -10.58
C ARG A 194 0.64 36.78 -10.27
N ASP A 195 -0.02 37.61 -9.45
CA ASP A 195 0.58 38.91 -9.05
C ASP A 195 1.93 38.78 -8.36
N LEU A 196 2.11 37.71 -7.57
CA LEU A 196 3.39 37.50 -6.90
C LEU A 196 4.42 37.06 -7.91
N GLY A 197 3.93 36.71 -9.10
CA GLY A 197 4.83 36.29 -10.17
C GLY A 197 4.95 34.79 -10.41
N MET A 198 4.25 33.97 -9.63
CA MET A 198 4.34 32.52 -9.83
C MET A 198 3.43 32.04 -10.97
N VAL A 199 3.82 30.94 -11.61
CA VAL A 199 3.07 30.37 -12.73
C VAL A 199 1.74 29.87 -12.24
N THR A 200 0.71 29.99 -13.07
CA THR A 200 -0.60 29.54 -12.66
C THR A 200 -1.32 28.81 -13.79
N ILE A 201 -2.15 27.84 -13.43
CA ILE A 201 -2.89 27.08 -14.42
C ILE A 201 -4.36 27.04 -14.03
N LEU A 202 -5.20 27.56 -14.92
CA LEU A 202 -6.65 27.56 -14.69
C LEU A 202 -7.03 26.16 -15.09
N VAL A 203 -7.48 25.37 -14.12
CA VAL A 203 -7.82 23.98 -14.39
C VAL A 203 -9.29 23.71 -14.64
N GLN A 204 -9.66 23.50 -15.90
CA GLN A 204 -11.05 23.17 -16.22
C GLN A 204 -11.05 21.65 -16.38
N ASP A 205 -10.47 21.16 -17.47
CA ASP A 205 -10.41 19.73 -17.69
C ASP A 205 -8.98 19.30 -17.39
N THR A 206 -8.86 18.15 -16.75
CA THR A 206 -7.57 17.62 -16.36
C THR A 206 -6.51 17.49 -17.46
N ASP A 207 -6.84 16.86 -18.58
CA ASP A 207 -5.87 16.69 -19.67
C ASP A 207 -5.27 18.03 -20.08
N THR A 208 -6.12 19.00 -20.38
CA THR A 208 -5.64 20.32 -20.80
C THR A 208 -4.76 20.89 -19.70
N ALA A 209 -5.23 20.80 -18.47
CA ALA A 209 -4.47 21.31 -17.32
C ALA A 209 -3.09 20.65 -17.26
N LEU A 210 -3.05 19.34 -17.43
CA LEU A 210 -1.78 18.60 -17.39
C LEU A 210 -0.88 18.93 -18.59
N LYS A 211 -1.49 19.31 -19.72
CA LYS A 211 -0.71 19.65 -20.90
C LYS A 211 0.04 20.95 -20.63
N GLU A 212 -0.65 21.90 -20.00
CA GLU A 212 -0.04 23.17 -19.66
C GLU A 212 1.05 22.89 -18.62
N LEU A 213 0.72 22.07 -17.64
CA LEU A 213 1.69 21.74 -16.58
C LEU A 213 2.90 21.03 -17.14
N GLU A 214 2.66 20.12 -18.08
CA GLU A 214 3.74 19.37 -18.70
C GLU A 214 4.66 20.34 -19.44
N LYS A 215 4.05 21.24 -20.20
CA LYS A 215 4.77 22.23 -20.97
C LYS A 215 5.63 23.15 -20.11
N VAL A 216 4.99 23.76 -19.11
CA VAL A 216 5.70 24.69 -18.25
C VAL A 216 6.77 24.05 -17.38
N THR A 217 6.65 22.76 -17.07
CA THR A 217 7.66 22.12 -16.24
C THR A 217 8.65 21.30 -17.06
N GLY A 218 8.29 21.02 -18.31
CA GLY A 218 9.17 20.25 -19.18
C GLY A 218 9.34 18.83 -18.69
N ILE A 219 8.27 18.22 -18.21
CA ILE A 219 8.31 16.85 -17.72
C ILE A 219 7.09 16.11 -18.24
N GLN A 220 7.31 14.85 -18.66
CA GLN A 220 6.21 14.03 -19.17
C GLN A 220 5.23 13.74 -18.04
N LEU A 221 4.00 14.23 -18.15
CA LEU A 221 3.01 13.98 -17.12
C LEU A 221 1.81 13.29 -17.70
N LEU A 222 1.62 13.47 -19.00
CA LEU A 222 0.48 12.90 -19.69
C LEU A 222 0.87 11.71 -20.55
N ASN A 223 -0.04 10.76 -20.72
CA ASN A 223 0.20 9.57 -21.53
C ASN A 223 1.41 8.82 -21.01
N THR A 224 1.74 9.04 -19.76
CA THR A 224 2.92 8.39 -19.20
C THR A 224 2.59 6.94 -18.79
N PRO A 225 3.61 6.08 -18.71
CA PRO A 225 3.38 4.68 -18.33
C PRO A 225 2.72 4.51 -16.98
N ALA A 226 2.04 3.38 -16.80
CA ALA A 226 1.38 3.05 -15.53
C ALA A 226 2.52 2.91 -14.51
N PRO A 227 2.49 3.73 -13.44
CA PRO A 227 3.50 3.74 -12.38
C PRO A 227 3.41 2.61 -11.37
N LEU A 228 4.50 2.38 -10.61
CA LEU A 228 4.48 1.34 -9.60
C LEU A 228 3.61 1.80 -8.43
N PRO A 229 2.89 0.88 -7.78
CA PRO A 229 2.05 1.30 -6.66
C PRO A 229 2.89 1.94 -5.57
N THR A 230 2.23 2.57 -4.60
CA THR A 230 2.91 3.22 -3.48
C THR A 230 3.79 2.23 -2.74
N SER A 231 5.04 2.59 -2.49
CA SER A 231 5.98 1.74 -1.76
C SER A 231 6.35 2.51 -0.51
N CYS A 232 6.14 1.93 0.66
CA CYS A 232 6.43 2.62 1.90
C CYS A 232 7.88 2.80 2.28
N ASN A 233 8.13 3.85 3.06
CA ASN A 233 9.44 4.19 3.54
C ASN A 233 9.55 3.63 4.96
N PRO A 234 10.55 2.77 5.23
CA PRO A 234 10.75 2.16 6.54
C PRO A 234 10.60 3.10 7.74
N SER A 235 11.26 4.24 7.70
CA SER A 235 11.24 5.18 8.81
C SER A 235 9.88 5.84 9.04
N ASP A 236 8.96 5.67 8.13
CA ASP A 236 7.66 6.27 8.32
C ASP A 236 6.62 5.26 8.80
N MET A 237 7.03 4.00 8.92
CA MET A 237 6.10 2.95 9.37
C MET A 237 6.03 2.83 10.89
N SER A 238 4.90 2.31 11.36
CA SER A 238 4.75 2.06 12.77
C SER A 238 5.38 0.68 12.92
N HIS A 239 6.29 0.55 13.88
CA HIS A 239 7.00 -0.69 14.14
C HIS A 239 6.52 -1.33 15.42
N GLY A 240 6.11 -2.59 15.32
CA GLY A 240 5.61 -3.31 16.47
C GLY A 240 6.49 -4.49 16.84
N TYR A 241 6.53 -4.77 18.14
CA TYR A 241 7.32 -5.84 18.69
C TYR A 241 6.52 -6.56 19.77
N VAL A 242 6.46 -7.88 19.63
CA VAL A 242 5.73 -8.76 20.53
C VAL A 242 6.64 -9.91 20.96
N THR A 243 6.79 -10.10 22.25
CA THR A 243 7.60 -11.19 22.74
C THR A 243 6.63 -12.37 22.84
N VAL A 244 6.92 -13.43 22.08
CA VAL A 244 6.05 -14.61 22.05
C VAL A 244 6.63 -15.71 22.94
N LYS A 245 7.89 -15.54 23.32
CA LYS A 245 8.63 -16.49 24.16
C LYS A 245 9.80 -15.70 24.73
N PRO A 246 10.32 -16.10 25.90
CA PRO A 246 11.44 -15.44 26.56
C PRO A 246 12.58 -15.01 25.62
N ARG A 247 13.06 -15.88 24.76
CA ARG A 247 14.14 -15.43 23.89
C ARG A 247 13.69 -15.11 22.46
N VAL A 248 12.38 -15.08 22.23
CA VAL A 248 11.87 -14.80 20.90
C VAL A 248 10.89 -13.61 20.79
N ARG A 249 11.32 -12.57 20.08
CA ARG A 249 10.50 -11.39 19.89
C ARG A 249 10.25 -11.22 18.38
N LEU A 250 9.00 -10.97 17.99
CA LEU A 250 8.70 -10.81 16.58
C LEU A 250 8.40 -9.36 16.23
N HIS A 251 9.00 -8.90 15.14
CA HIS A 251 8.83 -7.54 14.69
C HIS A 251 7.91 -7.48 13.46
N PHE A 252 7.12 -6.42 13.38
CA PHE A 252 6.23 -6.24 12.26
C PHE A 252 5.97 -4.76 12.04
N VAL A 253 5.52 -4.42 10.83
CA VAL A 253 5.18 -3.07 10.42
C VAL A 253 3.68 -3.12 10.31
N GLU A 254 3.00 -2.09 10.76
CA GLU A 254 1.53 -2.11 10.77
C GLU A 254 0.93 -0.87 10.12
N LEU A 255 -0.09 -1.06 9.28
CA LEU A 255 -0.72 0.07 8.60
C LEU A 255 -2.17 -0.23 8.27
N GLY A 256 -3.04 0.75 8.47
CA GLY A 256 -4.44 0.56 8.13
C GLY A 256 -5.33 0.07 9.25
N SER A 257 -6.62 0.06 8.98
CA SER A 257 -7.59 -0.40 9.95
C SER A 257 -8.50 -1.37 9.23
N GLY A 258 -9.23 -2.19 9.98
CA GLY A 258 -10.10 -3.15 9.35
C GLY A 258 -9.64 -4.55 9.72
N PRO A 259 -10.13 -5.59 9.02
CA PRO A 259 -9.70 -6.95 9.36
C PRO A 259 -8.19 -7.05 9.39
N ALA A 260 -7.64 -7.82 10.32
CA ALA A 260 -6.20 -7.98 10.40
C ALA A 260 -5.71 -8.89 9.27
N VAL A 261 -4.66 -8.45 8.58
CA VAL A 261 -4.08 -9.20 7.47
C VAL A 261 -2.61 -9.35 7.74
N CYS A 262 -2.20 -10.56 8.06
CA CYS A 262 -0.82 -10.85 8.40
C CYS A 262 0.02 -11.32 7.21
N LEU A 263 1.02 -10.53 6.83
CA LEU A 263 1.89 -10.87 5.70
C LEU A 263 3.14 -11.63 6.14
N CYS A 264 3.37 -12.78 5.53
CA CYS A 264 4.54 -13.62 5.88
C CYS A 264 5.49 -13.86 4.71
N HIS A 265 6.59 -13.13 4.71
CA HIS A 265 7.62 -13.20 3.67
C HIS A 265 8.37 -14.53 3.59
N GLY A 266 9.17 -14.69 2.53
CA GLY A 266 9.93 -15.90 2.34
C GLY A 266 11.41 -15.77 2.60
N PHE A 267 12.18 -16.69 2.02
CA PHE A 267 13.63 -16.74 2.16
C PHE A 267 14.34 -16.25 0.91
N PRO A 268 15.32 -15.36 1.06
CA PRO A 268 15.78 -14.75 2.32
C PRO A 268 15.28 -13.30 2.28
N GLU A 269 14.06 -13.06 2.77
CA GLU A 269 13.50 -11.72 2.68
C GLU A 269 13.24 -10.94 3.97
N SER A 270 12.10 -10.25 4.03
CA SER A 270 11.79 -9.44 5.18
C SER A 270 10.44 -8.78 5.00
N TRP A 271 9.98 -8.08 6.02
CA TRP A 271 8.70 -7.39 5.94
C TRP A 271 8.68 -6.45 4.74
N TYR A 272 9.86 -5.91 4.39
CA TYR A 272 9.99 -4.97 3.30
C TYR A 272 9.68 -5.61 1.94
N SER A 273 9.54 -6.92 1.92
CA SER A 273 9.20 -7.57 0.67
C SER A 273 7.75 -7.28 0.31
N TRP A 274 6.97 -6.76 1.26
CA TRP A 274 5.59 -6.43 0.99
C TRP A 274 5.39 -4.92 0.84
N ARG A 275 6.50 -4.19 0.68
CA ARG A 275 6.44 -2.75 0.56
C ARG A 275 5.39 -2.22 -0.41
N TYR A 276 5.12 -2.97 -1.48
CA TYR A 276 4.13 -2.56 -2.46
C TYR A 276 2.71 -2.91 -2.08
N GLN A 277 2.50 -3.95 -1.28
CA GLN A 277 1.11 -4.24 -0.94
C GLN A 277 0.65 -3.67 0.40
N ILE A 278 1.59 -3.34 1.29
CA ILE A 278 1.21 -2.78 2.59
C ILE A 278 0.32 -1.54 2.40
N PRO A 279 0.78 -0.54 1.65
CA PRO A 279 -0.10 0.64 1.49
C PRO A 279 -1.39 0.28 0.73
N ALA A 280 -1.25 -0.51 -0.33
CA ALA A 280 -2.41 -0.93 -1.12
C ALA A 280 -3.48 -1.62 -0.27
N LEU A 281 -3.10 -2.68 0.44
CA LEU A 281 -4.07 -3.40 1.27
C LEU A 281 -4.61 -2.49 2.37
N ALA A 282 -3.77 -1.65 2.94
CA ALA A 282 -4.27 -0.76 3.99
C ALA A 282 -5.33 0.10 3.35
N GLN A 283 -4.97 0.69 2.22
CA GLN A 283 -5.87 1.55 1.46
C GLN A 283 -7.17 0.84 1.14
N ALA A 284 -7.11 -0.46 0.87
CA ALA A 284 -8.33 -1.22 0.54
C ALA A 284 -9.23 -1.53 1.73
N GLY A 285 -8.84 -1.07 2.94
CA GLY A 285 -9.68 -1.29 4.10
C GLY A 285 -9.26 -2.40 5.05
N TYR A 286 -7.98 -2.66 5.11
CA TYR A 286 -7.49 -3.70 5.98
C TYR A 286 -6.40 -3.17 6.91
N ARG A 287 -6.16 -3.91 8.00
CA ARG A 287 -5.14 -3.57 8.98
C ARG A 287 -4.02 -4.54 8.67
N VAL A 288 -3.00 -4.04 7.99
CA VAL A 288 -1.89 -4.88 7.59
C VAL A 288 -0.79 -5.06 8.62
N LEU A 289 -0.37 -6.31 8.83
CA LEU A 289 0.72 -6.61 9.75
C LEU A 289 1.80 -7.37 8.98
N ALA A 290 2.78 -6.63 8.47
CA ALA A 290 3.87 -7.25 7.70
C ALA A 290 4.95 -7.70 8.66
N MET A 291 5.08 -9.00 8.80
CA MET A 291 6.06 -9.60 9.70
C MET A 291 7.50 -9.60 9.22
N ASP A 292 8.37 -9.77 10.21
CA ASP A 292 9.80 -10.02 10.01
C ASP A 292 9.64 -11.42 10.60
N MET A 293 9.73 -12.45 9.76
CA MET A 293 9.54 -13.82 10.25
C MET A 293 10.69 -14.20 11.15
N LYS A 294 10.43 -15.06 12.13
CA LYS A 294 11.47 -15.50 13.03
C LYS A 294 12.74 -15.79 12.24
N GLY A 295 13.85 -15.21 12.70
CA GLY A 295 15.15 -15.39 12.07
C GLY A 295 15.55 -14.23 11.18
N TYR A 296 14.68 -13.25 11.02
CA TYR A 296 14.92 -12.12 10.14
C TYR A 296 14.76 -10.71 10.72
N GLY A 297 15.39 -9.74 10.04
CA GLY A 297 15.30 -8.35 10.45
C GLY A 297 15.36 -8.09 11.93
N GLU A 298 14.36 -7.35 12.42
CA GLU A 298 14.33 -7.01 13.83
C GLU A 298 13.67 -8.09 14.68
N SER A 299 13.35 -9.23 14.09
CA SER A 299 12.77 -10.31 14.87
C SER A 299 13.93 -11.14 15.40
N SER A 300 13.72 -11.82 16.52
CA SER A 300 14.77 -12.63 17.12
C SER A 300 15.24 -13.73 16.17
N ALA A 301 16.49 -14.13 16.34
CA ALA A 301 17.07 -15.16 15.49
C ALA A 301 17.90 -16.15 16.28
N PRO A 302 17.26 -17.00 17.08
CA PRO A 302 18.05 -17.96 17.85
C PRO A 302 18.76 -18.95 16.94
N PRO A 303 19.97 -19.39 17.32
CA PRO A 303 20.79 -20.33 16.53
C PRO A 303 20.29 -21.76 16.37
N GLU A 304 19.59 -22.27 17.38
CA GLU A 304 19.08 -23.65 17.36
C GLU A 304 18.23 -23.98 16.16
N ILE A 305 18.52 -25.10 15.52
CA ILE A 305 17.77 -25.52 14.34
C ILE A 305 16.30 -25.79 14.61
N GLU A 306 15.99 -26.51 15.69
CA GLU A 306 14.60 -26.85 16.01
C GLU A 306 13.72 -25.63 16.31
N GLU A 307 14.36 -24.50 16.57
CA GLU A 307 13.63 -23.26 16.84
C GLU A 307 12.89 -22.81 15.59
N TYR A 308 13.19 -23.47 14.47
CA TYR A 308 12.57 -23.11 13.20
C TYR A 308 11.73 -24.20 12.53
N CYS A 309 11.42 -25.29 13.23
CA CYS A 309 10.57 -26.32 12.63
C CYS A 309 9.20 -25.66 12.51
N MET A 310 8.42 -26.06 11.51
CA MET A 310 7.10 -25.46 11.27
C MET A 310 6.15 -25.42 12.47
N GLU A 311 6.16 -26.46 13.28
CA GLU A 311 5.28 -26.53 14.44
C GLU A 311 5.58 -25.40 15.44
N VAL A 312 6.84 -25.13 15.67
CA VAL A 312 7.20 -24.09 16.60
C VAL A 312 6.88 -22.71 16.00
N LEU A 313 7.20 -22.56 14.72
CA LEU A 313 6.96 -21.32 14.01
C LEU A 313 5.49 -20.96 14.02
N CYS A 314 4.63 -21.94 13.80
CA CYS A 314 3.20 -21.69 13.81
C CYS A 314 2.69 -21.39 15.21
N LYS A 315 3.13 -22.15 16.23
CA LYS A 315 2.70 -21.86 17.61
C LYS A 315 2.99 -20.40 17.93
N GLU A 316 4.21 -19.97 17.59
CA GLU A 316 4.64 -18.61 17.83
C GLU A 316 3.73 -17.58 17.17
N MET A 317 3.28 -17.85 15.96
CA MET A 317 2.39 -16.93 15.27
C MET A 317 1.04 -16.92 15.95
N VAL A 318 0.67 -18.04 16.59
CA VAL A 318 -0.59 -18.09 17.28
C VAL A 318 -0.47 -17.22 18.53
N THR A 319 0.66 -17.35 19.19
CA THR A 319 0.93 -16.58 20.38
C THR A 319 0.98 -15.10 20.01
N PHE A 320 1.48 -14.82 18.81
CA PHE A 320 1.60 -13.47 18.28
C PHE A 320 0.19 -12.86 18.25
N LEU A 321 -0.76 -13.61 17.71
CA LEU A 321 -2.12 -13.12 17.66
C LEU A 321 -2.62 -12.95 19.11
N ASP A 322 -2.39 -13.96 19.95
CA ASP A 322 -2.79 -13.90 21.35
C ASP A 322 -2.32 -12.61 22.05
N LYS A 323 -1.03 -12.30 21.99
CA LYS A 323 -0.49 -11.11 22.62
C LYS A 323 -1.04 -9.80 22.06
N LEU A 324 -1.45 -9.81 20.80
CA LEU A 324 -2.01 -8.62 20.17
C LEU A 324 -3.51 -8.53 20.39
N GLY A 325 -4.07 -9.53 21.05
CA GLY A 325 -5.51 -9.56 21.32
C GLY A 325 -6.32 -9.74 20.06
N LEU A 326 -5.82 -10.56 19.13
CA LEU A 326 -6.50 -10.83 17.85
C LEU A 326 -7.03 -12.26 17.78
N SER A 327 -8.34 -12.45 17.69
CA SER A 327 -8.86 -13.83 17.61
C SER A 327 -8.52 -14.46 16.25
N GLN A 328 -8.38 -13.65 15.22
CA GLN A 328 -8.02 -14.16 13.91
C GLN A 328 -7.25 -13.13 13.11
N ALA A 329 -6.72 -13.58 11.99
CA ALA A 329 -6.03 -12.69 11.09
C ALA A 329 -6.07 -13.44 9.79
N VAL A 330 -6.04 -12.71 8.69
CA VAL A 330 -6.00 -13.35 7.41
C VAL A 330 -4.52 -13.57 7.25
N PHE A 331 -4.14 -14.76 6.81
CA PHE A 331 -2.75 -15.06 6.62
C PHE A 331 -2.38 -15.18 5.16
N ILE A 332 -1.49 -14.31 4.72
CA ILE A 332 -1.02 -14.29 3.36
C ILE A 332 0.49 -14.46 3.42
N GLY A 333 0.97 -15.53 2.80
CA GLY A 333 2.39 -15.81 2.81
C GLY A 333 2.94 -16.04 1.41
N HIS A 334 4.25 -15.86 1.27
CA HIS A 334 4.94 -16.05 0.00
C HIS A 334 6.13 -16.94 0.32
N ASP A 335 6.49 -17.80 -0.63
CA ASP A 335 7.61 -18.71 -0.46
C ASP A 335 7.50 -19.48 0.89
N TRP A 336 8.54 -19.45 1.72
CA TRP A 336 8.46 -20.17 2.99
C TRP A 336 7.27 -19.66 3.83
N GLY A 337 6.98 -18.37 3.73
CA GLY A 337 5.85 -17.83 4.48
C GLY A 337 4.55 -18.47 3.98
N GLY A 338 4.51 -18.79 2.70
CA GLY A 338 3.34 -19.41 2.12
C GLY A 338 3.14 -20.80 2.70
N MET A 339 4.23 -21.55 2.87
CA MET A 339 4.15 -22.89 3.43
C MET A 339 3.56 -22.80 4.83
N LEU A 340 4.05 -21.81 5.57
CA LEU A 340 3.61 -21.54 6.95
C LEU A 340 2.11 -21.22 7.04
N VAL A 341 1.57 -20.41 6.13
CA VAL A 341 0.15 -20.12 6.24
C VAL A 341 -0.73 -21.34 5.96
N TRP A 342 -0.32 -22.18 5.00
CA TRP A 342 -1.11 -23.38 4.75
C TRP A 342 -1.17 -24.16 6.05
N TYR A 343 -0.04 -24.29 6.75
CA TYR A 343 -0.06 -25.03 7.99
C TYR A 343 -0.79 -24.33 9.13
N MET A 344 -0.80 -22.99 9.13
CA MET A 344 -1.53 -22.23 10.13
C MET A 344 -3.02 -22.59 9.93
N ALA A 345 -3.44 -22.72 8.67
CA ALA A 345 -4.80 -23.06 8.37
C ALA A 345 -5.16 -24.52 8.73
N LEU A 346 -4.20 -25.43 8.58
CA LEU A 346 -4.40 -26.84 8.88
C LEU A 346 -4.41 -27.20 10.37
N PHE A 347 -3.69 -26.41 11.16
CA PHE A 347 -3.59 -26.68 12.60
C PHE A 347 -4.27 -25.68 13.49
N TYR A 348 -4.56 -24.49 12.95
CA TYR A 348 -5.23 -23.46 13.73
C TYR A 348 -6.27 -22.70 12.91
N PRO A 349 -7.22 -23.42 12.28
CA PRO A 349 -8.29 -22.85 11.45
C PRO A 349 -9.05 -21.77 12.21
N GLU A 350 -9.17 -21.97 13.51
CA GLU A 350 -9.86 -21.08 14.40
C GLU A 350 -9.27 -19.67 14.38
N ARG A 351 -7.96 -19.57 14.15
CA ARG A 351 -7.28 -18.28 14.16
C ARG A 351 -7.07 -17.66 12.79
N VAL A 352 -7.30 -18.43 11.75
CA VAL A 352 -7.13 -17.97 10.39
C VAL A 352 -8.46 -17.57 9.76
N ARG A 353 -8.63 -16.26 9.52
CA ARG A 353 -9.87 -15.75 8.92
C ARG A 353 -9.95 -16.25 7.48
N ALA A 354 -8.81 -16.26 6.80
CA ALA A 354 -8.68 -16.72 5.42
C ALA A 354 -7.19 -16.94 5.19
N VAL A 355 -6.83 -17.73 4.20
CA VAL A 355 -5.43 -18.00 3.97
C VAL A 355 -5.11 -17.83 2.50
N ALA A 356 -3.95 -17.23 2.21
CA ALA A 356 -3.53 -17.04 0.84
C ALA A 356 -2.02 -17.18 0.69
N SER A 357 -1.64 -17.85 -0.39
CA SER A 357 -0.24 -18.11 -0.71
C SER A 357 0.15 -17.70 -2.13
N LEU A 358 1.28 -17.00 -2.23
CA LEU A 358 1.82 -16.61 -3.52
C LEU A 358 2.91 -17.63 -3.81
N ASN A 359 2.84 -18.27 -4.98
CA ASN A 359 3.83 -19.24 -5.47
C ASN A 359 3.88 -20.59 -4.76
N THR A 360 3.91 -20.55 -3.44
CA THR A 360 4.01 -21.76 -2.65
C THR A 360 2.73 -22.54 -2.61
N PRO A 361 2.75 -23.72 -3.22
CA PRO A 361 1.58 -24.58 -3.27
C PRO A 361 1.48 -25.40 -1.99
N PHE A 362 0.28 -25.78 -1.59
CA PHE A 362 0.17 -26.61 -0.42
C PHE A 362 0.31 -28.05 -0.90
N ILE A 363 1.31 -28.75 -0.39
CA ILE A 363 1.47 -30.16 -0.75
C ILE A 363 1.52 -30.94 0.56
N PRO A 364 0.70 -31.98 0.67
CA PRO A 364 0.65 -32.81 1.87
C PRO A 364 1.88 -33.69 1.95
N ALA A 365 2.27 -34.05 3.17
CA ALA A 365 3.45 -34.89 3.35
C ALA A 365 3.16 -36.27 2.81
N ASN A 366 4.19 -36.94 2.31
CA ASN A 366 4.00 -38.28 1.79
C ASN A 366 4.25 -39.25 2.93
N PRO A 367 3.21 -39.95 3.38
CA PRO A 367 3.32 -40.92 4.49
C PRO A 367 4.46 -41.91 4.32
N ASN A 368 4.82 -42.21 3.08
CA ASN A 368 5.85 -43.20 2.83
C ASN A 368 7.24 -42.64 2.60
N MET A 369 7.38 -41.87 1.54
CA MET A 369 8.66 -41.29 1.17
C MET A 369 9.16 -40.25 2.18
N SER A 370 10.40 -40.40 2.62
CA SER A 370 10.97 -39.45 3.57
C SER A 370 11.20 -38.15 2.83
N PRO A 371 11.24 -37.03 3.57
CA PRO A 371 11.45 -35.70 2.99
C PRO A 371 12.70 -35.63 2.12
N LEU A 372 13.82 -36.07 2.68
CA LEU A 372 15.09 -36.07 1.97
C LEU A 372 14.95 -36.74 0.60
N GLU A 373 14.32 -37.92 0.59
CA GLU A 373 14.11 -38.67 -0.63
C GLU A 373 13.25 -37.89 -1.62
N SER A 374 12.12 -37.40 -1.15
CA SER A 374 11.21 -36.64 -1.99
C SER A 374 11.92 -35.45 -2.62
N ILE A 375 12.70 -34.74 -1.81
CA ILE A 375 13.42 -33.57 -2.31
C ILE A 375 14.50 -33.90 -3.32
N LYS A 376 15.19 -35.01 -3.12
CA LYS A 376 16.23 -35.42 -4.05
C LYS A 376 15.58 -35.76 -5.40
N ALA A 377 14.30 -36.12 -5.37
CA ALA A 377 13.60 -36.47 -6.60
C ALA A 377 13.20 -35.27 -7.45
N ASN A 378 13.77 -34.11 -7.16
CA ASN A 378 13.45 -32.89 -7.90
C ASN A 378 14.73 -32.08 -8.10
N PRO A 379 15.34 -32.17 -9.29
CA PRO A 379 16.57 -31.47 -9.67
C PRO A 379 16.65 -30.02 -9.20
N VAL A 380 15.56 -29.28 -9.40
CA VAL A 380 15.51 -27.88 -9.02
C VAL A 380 15.61 -27.65 -7.50
N PHE A 381 15.26 -28.66 -6.70
CA PHE A 381 15.32 -28.56 -5.24
C PHE A 381 16.66 -29.01 -4.67
N ASP A 382 17.64 -29.17 -5.55
CA ASP A 382 18.99 -29.61 -5.15
C ASP A 382 19.58 -28.62 -4.14
N TYR A 383 19.35 -27.34 -4.38
CA TYR A 383 19.85 -26.30 -3.51
C TYR A 383 19.44 -26.51 -2.04
N GLN A 384 18.30 -27.15 -1.80
CA GLN A 384 17.87 -27.38 -0.43
C GLN A 384 18.81 -28.36 0.28
N LEU A 385 19.46 -29.24 -0.46
CA LEU A 385 20.40 -30.17 0.16
C LEU A 385 21.65 -29.36 0.57
N TYR A 386 22.05 -28.44 -0.28
CA TYR A 386 23.20 -27.57 -0.01
C TYR A 386 23.00 -26.76 1.26
N PHE A 387 21.75 -26.48 1.63
CA PHE A 387 21.49 -25.70 2.83
C PHE A 387 21.50 -26.52 4.11
N GLN A 388 21.51 -27.85 3.99
CA GLN A 388 21.49 -28.71 5.18
C GLN A 388 22.68 -28.55 6.13
N GLU A 389 23.89 -28.75 5.63
CA GLU A 389 25.08 -28.64 6.47
C GLU A 389 25.21 -27.27 7.13
N PRO A 390 25.01 -27.19 8.45
CA PRO A 390 25.10 -25.92 9.17
C PRO A 390 26.42 -25.19 8.95
N GLY A 391 26.35 -23.94 8.48
CA GLY A 391 27.55 -23.14 8.28
C GLY A 391 28.00 -22.89 6.85
N VAL A 392 27.88 -23.91 6.01
CA VAL A 392 28.30 -23.76 4.63
C VAL A 392 27.56 -22.66 3.90
N ALA A 393 26.28 -22.88 3.66
CA ALA A 393 25.47 -21.88 2.97
C ALA A 393 25.62 -20.52 3.67
N GLU A 394 25.69 -20.54 4.99
CA GLU A 394 25.84 -19.30 5.74
C GLU A 394 27.05 -18.50 5.26
N ALA A 395 28.18 -19.18 5.11
CA ALA A 395 29.39 -18.50 4.67
C ALA A 395 29.25 -17.88 3.30
N GLU A 396 28.71 -18.62 2.34
CA GLU A 396 28.56 -18.10 0.99
C GLU A 396 27.61 -16.91 0.93
N LEU A 397 26.44 -17.03 1.56
CA LEU A 397 25.47 -15.94 1.52
C LEU A 397 25.88 -14.72 2.30
N GLU A 398 26.66 -14.91 3.36
CA GLU A 398 27.09 -13.78 4.19
C GLU A 398 28.39 -13.12 3.72
N GLN A 399 29.13 -13.77 2.82
CA GLN A 399 30.40 -13.21 2.39
C GLN A 399 30.26 -11.82 1.76
N ASN A 400 29.29 -11.66 0.89
CA ASN A 400 29.05 -10.38 0.24
C ASN A 400 27.53 -10.22 0.13
N LEU A 401 26.92 -9.61 1.15
CA LEU A 401 25.47 -9.44 1.15
C LEU A 401 24.90 -8.72 -0.05
N SER A 402 25.55 -7.65 -0.43
CA SER A 402 25.08 -6.89 -1.57
C SER A 402 24.99 -7.81 -2.78
N ARG A 403 26.03 -8.59 -3.00
CA ARG A 403 26.07 -9.52 -4.12
C ARG A 403 24.95 -10.54 -3.99
N THR A 404 24.79 -11.07 -2.79
CA THR A 404 23.77 -12.04 -2.50
C THR A 404 22.37 -11.63 -2.95
N PHE A 405 21.93 -10.46 -2.49
CA PHE A 405 20.61 -10.00 -2.86
C PHE A 405 20.51 -9.50 -4.29
N LYS A 406 21.60 -8.98 -4.83
CA LYS A 406 21.53 -8.55 -6.22
C LYS A 406 21.46 -9.78 -7.12
N SER A 407 22.10 -10.87 -6.71
CA SER A 407 22.09 -12.11 -7.50
C SER A 407 20.74 -12.84 -7.43
N LEU A 408 20.13 -12.80 -6.25
CA LEU A 408 18.85 -13.46 -6.01
C LEU A 408 17.65 -12.70 -6.55
N PHE A 409 17.51 -11.44 -6.15
CA PHE A 409 16.37 -10.61 -6.59
C PHE A 409 16.44 -10.18 -8.03
N ARG A 410 16.01 -11.10 -8.90
CA ARG A 410 16.02 -10.86 -10.33
C ARG A 410 14.73 -11.32 -11.02
N ALA A 411 14.35 -10.61 -12.07
CA ALA A 411 13.15 -10.93 -12.83
C ALA A 411 13.34 -12.26 -13.55
N SER A 412 12.26 -12.82 -14.09
CA SER A 412 12.33 -14.11 -14.78
C SER A 412 13.41 -14.22 -15.86
N ASP A 413 13.74 -13.10 -16.49
CA ASP A 413 14.73 -13.10 -17.55
C ASP A 413 16.03 -12.36 -17.23
N GLU A 414 16.43 -12.35 -15.96
CA GLU A 414 17.66 -11.67 -15.55
C GLU A 414 18.48 -12.63 -14.73
N SER A 415 17.96 -13.85 -14.61
CA SER A 415 18.60 -14.90 -13.82
C SER A 415 20.09 -15.02 -14.09
N VAL A 416 20.82 -15.44 -13.06
CA VAL A 416 22.26 -15.65 -13.16
C VAL A 416 22.68 -16.86 -12.33
N LEU A 417 21.69 -17.49 -11.71
CA LEU A 417 21.91 -18.67 -10.86
C LEU A 417 21.16 -19.89 -11.41
N SER A 418 21.65 -21.08 -11.06
CA SER A 418 21.02 -22.31 -11.52
C SER A 418 20.77 -23.25 -10.34
N MET A 419 19.62 -23.05 -9.69
CA MET A 419 19.23 -23.84 -8.52
C MET A 419 19.41 -25.34 -8.69
N HIS A 420 19.48 -25.80 -9.94
CA HIS A 420 19.62 -27.23 -10.22
C HIS A 420 21.03 -27.82 -10.11
N LYS A 421 22.04 -27.03 -10.46
CA LYS A 421 23.42 -27.54 -10.39
C LYS A 421 24.20 -26.98 -9.21
N VAL A 422 23.47 -26.59 -8.17
CA VAL A 422 24.08 -26.04 -6.97
C VAL A 422 25.04 -26.98 -6.27
N CYS A 423 24.53 -28.08 -5.72
CA CYS A 423 25.38 -29.04 -5.01
C CYS A 423 26.56 -29.44 -5.89
N GLU A 424 26.28 -29.70 -7.16
CA GLU A 424 27.33 -30.09 -8.11
C GLU A 424 28.41 -29.00 -8.17
N ALA A 425 27.98 -27.76 -8.36
CA ALA A 425 28.89 -26.61 -8.45
C ALA A 425 29.63 -26.38 -7.14
N GLY A 426 29.07 -26.88 -6.05
CA GLY A 426 29.70 -26.71 -4.76
C GLY A 426 29.33 -25.38 -4.12
N GLY A 427 28.40 -24.68 -4.76
CA GLY A 427 27.99 -23.40 -4.22
C GLY A 427 26.75 -22.87 -4.91
N LEU A 428 26.29 -21.71 -4.44
CA LEU A 428 25.10 -21.11 -4.99
C LEU A 428 25.46 -20.01 -5.99
N PHE A 429 26.62 -19.39 -5.79
CA PHE A 429 27.08 -18.30 -6.65
C PHE A 429 28.38 -18.65 -7.37
N VAL A 430 28.78 -19.92 -7.31
CA VAL A 430 30.03 -20.38 -7.94
C VAL A 430 30.25 -19.82 -9.34
N ASN A 431 29.22 -19.83 -10.17
CA ASN A 431 29.37 -19.31 -11.50
C ASN A 431 28.47 -18.11 -11.72
N SER A 432 28.50 -17.21 -10.75
CA SER A 432 27.69 -16.01 -10.80
C SER A 432 28.61 -14.79 -10.70
N PRO A 433 28.20 -13.67 -11.31
CA PRO A 433 28.98 -12.43 -11.29
C PRO A 433 29.38 -12.00 -9.88
N GLU A 434 30.54 -11.36 -9.76
CA GLU A 434 30.99 -10.87 -8.47
C GLU A 434 30.30 -9.55 -8.21
N GLU A 435 29.87 -8.90 -9.28
CA GLU A 435 29.18 -7.64 -9.17
C GLU A 435 27.99 -7.66 -10.12
N PRO A 436 26.92 -8.38 -9.76
CA PRO A 436 25.72 -8.49 -10.57
C PRO A 436 25.19 -7.11 -10.93
N SER A 437 24.49 -7.03 -12.05
CA SER A 437 23.90 -5.77 -12.47
C SER A 437 22.72 -5.53 -11.54
N LEU A 438 22.08 -4.38 -11.69
CA LEU A 438 20.95 -4.05 -10.83
C LEU A 438 19.64 -4.52 -11.48
N SER A 439 18.96 -5.47 -10.85
CA SER A 439 17.69 -5.95 -11.40
C SER A 439 16.70 -4.83 -11.60
N ARG A 440 15.88 -4.93 -12.65
CA ARG A 440 14.91 -3.89 -12.91
C ARG A 440 13.87 -3.84 -11.81
N MET A 441 13.74 -4.93 -11.06
CA MET A 441 12.76 -4.98 -9.99
C MET A 441 13.12 -4.18 -8.75
N VAL A 442 14.43 -3.96 -8.54
CA VAL A 442 14.88 -3.26 -7.35
C VAL A 442 15.92 -2.18 -7.55
N THR A 443 15.86 -1.17 -6.70
CA THR A 443 16.82 -0.08 -6.75
C THR A 443 18.01 -0.43 -5.88
N GLU A 444 19.06 0.38 -5.98
CA GLU A 444 20.25 0.14 -5.20
C GLU A 444 19.90 0.36 -3.73
N GLU A 445 19.03 1.32 -3.45
CA GLU A 445 18.62 1.62 -2.08
C GLU A 445 17.89 0.42 -1.44
N GLU A 446 16.91 -0.13 -2.15
CA GLU A 446 16.17 -1.25 -1.63
C GLU A 446 17.10 -2.43 -1.36
N ILE A 447 18.06 -2.64 -2.25
CA ILE A 447 19.01 -3.73 -2.06
C ILE A 447 19.74 -3.48 -0.74
N GLN A 448 20.16 -2.24 -0.52
CA GLN A 448 20.89 -1.95 0.71
C GLN A 448 20.04 -2.13 1.97
N PHE A 449 18.72 -1.99 1.86
CA PHE A 449 17.85 -2.19 2.99
C PHE A 449 17.97 -3.64 3.41
N TYR A 450 17.90 -4.54 2.43
CA TYR A 450 18.04 -5.94 2.77
C TYR A 450 19.41 -6.15 3.38
N VAL A 451 20.44 -5.59 2.75
CA VAL A 451 21.80 -5.71 3.25
C VAL A 451 21.88 -5.37 4.75
N GLN A 452 21.40 -4.18 5.14
CA GLN A 452 21.48 -3.82 6.56
C GLN A 452 20.64 -4.72 7.46
N GLN A 453 19.49 -5.18 6.98
CA GLN A 453 18.67 -6.06 7.82
C GLN A 453 19.44 -7.35 8.11
N PHE A 454 20.06 -7.93 7.08
CA PHE A 454 20.78 -9.16 7.29
C PHE A 454 22.11 -9.07 8.03
N LYS A 455 22.61 -7.85 8.24
CA LYS A 455 23.83 -7.67 8.99
C LYS A 455 23.58 -8.00 10.46
N LYS A 456 22.32 -7.93 10.87
CA LYS A 456 21.98 -8.22 12.25
C LYS A 456 22.13 -9.69 12.61
N SER A 457 21.40 -10.57 11.93
CA SER A 457 21.50 -11.97 12.30
C SER A 457 22.08 -12.93 11.27
N GLY A 458 22.35 -12.45 10.06
CA GLY A 458 22.90 -13.33 9.07
C GLY A 458 21.89 -14.34 8.57
N PHE A 459 22.39 -15.41 7.96
CA PHE A 459 21.55 -16.44 7.39
C PHE A 459 21.35 -17.71 8.19
N ARG A 460 21.89 -17.77 9.39
CA ARG A 460 21.72 -18.97 10.17
C ARG A 460 20.25 -19.27 10.44
N GLY A 461 19.58 -18.32 11.07
CA GLY A 461 18.17 -18.48 11.40
C GLY A 461 17.37 -18.72 10.13
N PRO A 462 17.53 -17.86 9.13
CA PRO A 462 16.81 -18.01 7.85
C PRO A 462 17.03 -19.39 7.22
N LEU A 463 18.29 -19.85 7.21
CA LEU A 463 18.59 -21.15 6.62
C LEU A 463 18.06 -22.30 7.45
N ASN A 464 17.95 -22.07 8.77
CA ASN A 464 17.42 -23.11 9.64
C ASN A 464 16.00 -23.52 9.26
N TRP A 465 15.31 -22.69 8.47
CA TRP A 465 13.95 -23.04 8.04
C TRP A 465 13.97 -24.29 7.15
N TYR A 466 15.10 -24.52 6.50
CA TYR A 466 15.29 -25.65 5.60
C TYR A 466 15.80 -26.86 6.33
N ARG A 467 16.16 -26.68 7.59
CA ARG A 467 16.77 -27.74 8.37
C ARG A 467 15.92 -28.51 9.34
N ASN A 468 14.63 -28.63 9.00
CA ASN A 468 13.70 -29.36 9.85
C ASN A 468 12.78 -30.20 9.00
N MET A 469 13.30 -30.68 7.89
CA MET A 469 12.50 -31.47 6.99
C MET A 469 11.82 -32.66 7.66
N GLU A 470 12.62 -33.48 8.35
CA GLU A 470 12.09 -34.65 9.04
C GLU A 470 11.03 -34.27 10.07
N ARG A 471 11.35 -33.28 10.89
CA ARG A 471 10.42 -32.82 11.93
C ARG A 471 9.13 -32.29 11.31
N ASN A 472 9.26 -31.45 10.28
CA ASN A 472 8.08 -30.89 9.62
C ASN A 472 7.24 -31.98 8.99
N TRP A 473 7.92 -33.00 8.45
CA TRP A 473 7.27 -34.13 7.81
C TRP A 473 6.39 -34.86 8.83
N LYS A 474 6.97 -35.29 9.94
CA LYS A 474 6.21 -35.99 10.97
C LYS A 474 5.05 -35.16 11.48
N TRP A 475 5.28 -33.86 11.61
CA TRP A 475 4.24 -32.97 12.09
C TRP A 475 3.11 -32.93 11.08
N ALA A 476 3.46 -32.67 9.83
CA ALA A 476 2.45 -32.59 8.78
C ALA A 476 1.65 -33.88 8.64
N CYS A 477 2.26 -35.02 8.91
CA CYS A 477 1.56 -36.29 8.80
C CYS A 477 0.35 -36.35 9.71
N LYS A 478 0.39 -35.57 10.78
CA LYS A 478 -0.73 -35.52 11.72
C LYS A 478 -1.96 -34.92 11.06
N SER A 479 -1.78 -34.23 9.94
CA SER A 479 -2.89 -33.58 9.27
C SER A 479 -3.38 -34.25 7.99
N LEU A 480 -2.76 -35.35 7.61
CA LEU A 480 -3.13 -36.03 6.37
C LEU A 480 -4.63 -36.32 6.23
N GLY A 481 -5.35 -36.43 7.33
CA GLY A 481 -6.78 -36.68 7.24
C GLY A 481 -7.64 -35.43 7.16
N ARG A 482 -7.04 -34.25 7.32
CA ARG A 482 -7.81 -33.01 7.30
C ARG A 482 -7.99 -32.44 5.91
N LYS A 483 -8.64 -31.29 5.86
CA LYS A 483 -8.85 -30.58 4.61
C LYS A 483 -8.94 -29.11 4.98
N ILE A 484 -8.58 -28.26 4.04
CA ILE A 484 -8.67 -26.84 4.29
C ILE A 484 -10.04 -26.44 3.78
N LEU A 485 -10.91 -26.06 4.70
CA LEU A 485 -12.27 -25.68 4.36
C LEU A 485 -12.59 -24.22 4.61
N ILE A 486 -11.58 -23.44 4.99
CA ILE A 486 -11.77 -22.01 5.22
C ILE A 486 -11.43 -21.32 3.92
N PRO A 487 -11.74 -20.03 3.80
CA PRO A 487 -11.41 -19.40 2.52
C PRO A 487 -9.91 -19.45 2.23
N ALA A 488 -9.56 -19.93 1.04
CA ALA A 488 -8.18 -20.07 0.63
C ALA A 488 -7.92 -19.62 -0.81
N LEU A 489 -6.79 -18.95 -1.02
CA LEU A 489 -6.40 -18.43 -2.31
C LEU A 489 -5.00 -18.92 -2.64
N MET A 490 -4.79 -19.35 -3.88
CA MET A 490 -3.48 -19.82 -4.27
C MET A 490 -3.12 -19.02 -5.50
N VAL A 491 -2.01 -18.28 -5.44
CA VAL A 491 -1.61 -17.48 -6.59
C VAL A 491 -0.35 -18.03 -7.21
N THR A 492 -0.45 -18.54 -8.43
CA THR A 492 0.73 -19.09 -9.08
C THR A 492 1.43 -18.06 -9.93
N ALA A 493 2.73 -18.27 -10.11
CA ALA A 493 3.57 -17.37 -10.88
C ALA A 493 4.18 -18.13 -12.07
N GLU A 494 3.73 -17.76 -13.27
CA GLU A 494 4.19 -18.40 -14.49
C GLU A 494 5.68 -18.70 -14.56
N LYS A 495 6.52 -17.67 -14.44
CA LYS A 495 7.95 -17.86 -14.56
C LYS A 495 8.72 -18.22 -13.30
N ASP A 496 8.03 -18.74 -12.29
CA ASP A 496 8.73 -19.15 -11.07
C ASP A 496 9.24 -20.55 -11.40
N PHE A 497 10.54 -20.66 -11.64
CA PHE A 497 11.08 -21.95 -12.00
C PHE A 497 11.45 -22.89 -10.86
N VAL A 498 11.27 -22.44 -9.63
CA VAL A 498 11.54 -23.29 -8.48
C VAL A 498 10.17 -23.72 -7.92
N LEU A 499 9.29 -22.75 -7.69
CA LEU A 499 7.93 -23.06 -7.22
C LEU A 499 7.03 -22.93 -8.45
N VAL A 500 7.11 -23.92 -9.32
CA VAL A 500 6.35 -23.94 -10.56
C VAL A 500 4.85 -24.12 -10.37
N PRO A 501 4.05 -23.41 -11.18
CA PRO A 501 2.59 -23.47 -11.13
C PRO A 501 2.01 -24.88 -11.08
N GLN A 502 2.52 -25.77 -11.92
CA GLN A 502 2.00 -27.13 -11.96
C GLN A 502 2.11 -27.82 -10.62
N MET A 503 2.99 -27.35 -9.74
CA MET A 503 3.12 -28.00 -8.44
C MET A 503 1.86 -27.88 -7.58
N SER A 504 0.98 -26.94 -7.91
CA SER A 504 -0.24 -26.73 -7.14
C SER A 504 -1.50 -27.33 -7.75
N GLN A 505 -1.36 -28.04 -8.87
CA GLN A 505 -2.50 -28.61 -9.58
C GLN A 505 -3.45 -29.52 -8.80
N HIS A 506 -2.92 -30.22 -7.81
CA HIS A 506 -3.75 -31.13 -7.01
C HIS A 506 -4.37 -30.48 -5.78
N MET A 507 -3.91 -29.29 -5.43
CA MET A 507 -4.42 -28.62 -4.25
C MET A 507 -5.94 -28.72 -4.01
N GLU A 508 -6.72 -28.75 -5.09
CA GLU A 508 -8.18 -28.84 -4.95
C GLU A 508 -8.62 -30.07 -4.14
N ASP A 509 -7.81 -31.12 -4.16
CA ASP A 509 -8.12 -32.33 -3.42
C ASP A 509 -8.10 -32.07 -1.92
N TRP A 510 -7.38 -31.04 -1.50
CA TRP A 510 -7.34 -30.74 -0.07
C TRP A 510 -8.04 -29.45 0.28
N ILE A 511 -8.39 -28.67 -0.74
CA ILE A 511 -9.04 -27.39 -0.58
C ILE A 511 -10.10 -27.27 -1.68
N PRO A 512 -11.23 -27.99 -1.53
CA PRO A 512 -12.33 -28.01 -2.49
C PRO A 512 -12.74 -26.66 -3.03
N HIS A 513 -12.89 -25.69 -2.15
CA HIS A 513 -13.32 -24.38 -2.61
C HIS A 513 -12.19 -23.40 -2.85
N LEU A 514 -11.00 -23.95 -3.08
CA LEU A 514 -9.84 -23.13 -3.33
C LEU A 514 -10.08 -22.17 -4.50
N LYS A 515 -9.75 -20.90 -4.31
CA LYS A 515 -9.88 -19.93 -5.38
C LYS A 515 -8.46 -19.76 -5.90
N ARG A 516 -8.32 -19.32 -7.15
CA ARG A 516 -6.99 -19.16 -7.71
C ARG A 516 -6.68 -17.80 -8.31
N GLY A 517 -5.41 -17.63 -8.69
CA GLY A 517 -4.93 -16.42 -9.31
C GLY A 517 -3.65 -16.86 -10.00
N HIS A 518 -3.34 -16.23 -11.12
CA HIS A 518 -2.14 -16.60 -11.85
C HIS A 518 -1.56 -15.34 -12.48
N ILE A 519 -0.27 -15.10 -12.27
CA ILE A 519 0.38 -13.93 -12.83
C ILE A 519 1.35 -14.36 -13.90
N GLU A 520 1.20 -13.84 -15.10
CA GLU A 520 2.10 -14.24 -16.18
C GLU A 520 3.38 -13.43 -16.18
N ASP A 521 4.43 -13.99 -16.79
CA ASP A 521 5.73 -13.34 -16.90
C ASP A 521 6.15 -12.80 -15.53
N CYS A 522 5.96 -13.61 -14.51
CA CYS A 522 6.30 -13.22 -13.15
C CYS A 522 7.21 -14.27 -12.55
N GLY A 523 8.36 -13.85 -12.04
CA GLY A 523 9.27 -14.81 -11.46
C GLY A 523 8.90 -15.24 -10.05
N HIS A 524 9.91 -15.69 -9.31
CA HIS A 524 9.75 -16.13 -7.93
C HIS A 524 9.45 -15.01 -6.94
N TRP A 525 10.09 -13.86 -7.15
CA TRP A 525 9.94 -12.70 -6.27
C TRP A 525 8.70 -11.92 -6.64
N THR A 526 7.57 -12.61 -6.56
CA THR A 526 6.25 -12.10 -6.91
C THR A 526 5.84 -10.69 -6.51
N GLN A 527 5.99 -10.33 -5.23
CA GLN A 527 5.62 -9.02 -4.76
C GLN A 527 6.37 -7.92 -5.51
N MET A 528 7.68 -8.11 -5.65
CA MET A 528 8.60 -7.17 -6.32
C MET A 528 8.40 -7.12 -7.83
N ASP A 529 8.16 -8.29 -8.40
CA ASP A 529 8.00 -8.46 -9.83
C ASP A 529 6.73 -7.81 -10.39
N LYS A 530 5.57 -8.30 -9.94
CA LYS A 530 4.27 -7.81 -10.39
C LYS A 530 3.43 -7.26 -9.22
N PRO A 531 3.90 -6.18 -8.60
CA PRO A 531 3.21 -5.55 -7.46
C PRO A 531 1.77 -5.15 -7.76
N THR A 532 1.55 -4.61 -8.94
CA THR A 532 0.21 -4.17 -9.32
C THR A 532 -0.77 -5.33 -9.47
N GLU A 533 -0.32 -6.41 -10.08
CA GLU A 533 -1.15 -7.59 -10.30
C GLU A 533 -1.44 -8.23 -8.95
N VAL A 534 -0.40 -8.37 -8.14
CA VAL A 534 -0.56 -8.95 -6.81
C VAL A 534 -1.61 -8.21 -6.00
N ASN A 535 -1.46 -6.89 -5.88
CA ASN A 535 -2.41 -6.09 -5.10
C ASN A 535 -3.85 -6.30 -5.56
N GLN A 536 -4.05 -6.21 -6.87
CA GLN A 536 -5.37 -6.37 -7.47
C GLN A 536 -5.95 -7.76 -7.17
N ILE A 537 -5.13 -8.80 -7.27
CA ILE A 537 -5.57 -10.15 -6.99
C ILE A 537 -5.89 -10.36 -5.51
N LEU A 538 -5.04 -9.84 -4.63
CA LEU A 538 -5.27 -10.00 -3.19
C LEU A 538 -6.48 -9.21 -2.71
N ILE A 539 -6.57 -7.95 -3.14
CA ILE A 539 -7.67 -7.10 -2.71
C ILE A 539 -9.02 -7.62 -3.18
N LYS A 540 -9.03 -8.12 -4.40
CA LYS A 540 -10.24 -8.68 -4.96
C LYS A 540 -10.67 -9.85 -4.09
N TRP A 541 -9.71 -10.73 -3.78
CA TRP A 541 -9.95 -11.90 -2.96
C TRP A 541 -10.36 -11.55 -1.53
N LEU A 542 -9.66 -10.59 -0.92
CA LEU A 542 -9.98 -10.17 0.44
C LEU A 542 -11.38 -9.60 0.52
N ASP A 543 -11.73 -8.74 -0.41
CA ASP A 543 -13.05 -8.14 -0.37
C ASP A 543 -14.20 -9.13 -0.52
N SER A 544 -13.96 -10.25 -1.19
CA SER A 544 -15.03 -11.22 -1.37
C SER A 544 -15.00 -12.42 -0.44
N ASP A 545 -13.83 -12.81 0.03
CA ASP A 545 -13.77 -13.99 0.88
C ASP A 545 -13.30 -13.77 2.31
N ALA A 546 -12.61 -12.67 2.56
CA ALA A 546 -12.09 -12.45 3.89
C ALA A 546 -12.78 -11.35 4.66
N ARG A 547 -13.52 -10.50 3.95
CA ARG A 547 -14.22 -9.40 4.59
C ARG A 547 -15.59 -9.83 5.10
N ASN A 548 -16.28 -10.63 4.29
CA ASN A 548 -17.62 -11.13 4.61
C ASN A 548 -18.59 -9.97 4.80
MG MG B . -11.27 24.54 -6.13
P PO4 C . -10.92 24.45 -2.70
O1 PO4 C . -12.16 24.49 -1.89
O2 PO4 C . -9.93 25.44 -2.19
O3 PO4 C . -11.25 24.78 -4.11
O4 PO4 C . -10.33 23.08 -2.64
O1 15P D . 12.84 -0.16 12.51
C3 15P D . 13.56 0.81 13.28
C4 15P D . 14.90 0.29 13.81
O2 15P D . 15.36 1.07 14.99
C5 15P D . 15.02 0.45 16.26
C6 15P D . 14.51 1.59 17.15
O3 15P D . 14.03 0.94 18.33
C7 15P D . 12.62 0.59 18.22
C8 15P D . 12.30 -0.06 19.53
C1 NC4 E . 10.85 -23.10 -0.54
N2 NC4 E . 11.37 -21.93 -1.25
C3 NC4 E . 12.70 -21.68 -1.45
N4 NC4 E . 12.97 -20.54 -2.15
C5 NC4 E . 14.35 -20.13 -2.48
C6 NC4 E . 14.30 -19.15 -3.66
C7 NC4 E . 15.26 -19.57 -4.80
C8 NC4 E . 15.24 -18.61 -5.99
O9 NC4 E . 16.08 -19.01 -6.97
O10 NC4 E . 13.56 -22.42 -1.06
O11 NC4 E . 14.59 -17.60 -6.11
C12 NC4 E . 9.49 -22.77 0.16
C13 NC4 E . 8.94 -23.99 0.91
C14 NC4 E . 8.76 -25.20 -0.04
C15 NC4 E . 10.09 -25.55 -0.78
C16 NC4 E . 10.65 -24.29 -1.51
#